data_2V2E
#
_entry.id   2V2E
#
_cell.length_a   51.147
_cell.length_b   75.130
_cell.length_c   106.864
_cell.angle_alpha   90.00
_cell.angle_beta   90.00
_cell.angle_gamma   90.00
#
_symmetry.space_group_name_H-M   'P 21 21 21'
#
loop_
_entity.id
_entity.type
_entity.pdbx_description
1 polymer 'CYTOCHROME C PEROXIDASE'
2 non-polymer 'PROTOPORPHYRIN IX CONTAINING FE'
3 non-polymer 4-(DIAZENYLCARBONYL)PYRIDINE
4 water water
#
_entity_poly.entity_id   1
_entity_poly.type   'polypeptide(L)'
_entity_poly.pdbx_seq_one_letter_code
;MKTLVHVASVEKGRSYEDFQKVYNAIALKLREDDEYDNAIGYGPVLVRLAWHTSGTWDKHDNTGGSYGGTYRFKKEFNDP
SNAGLQNGFKFLEPIHKEFPWISSGDLFSLGGVTAVQEMQGPKIPWRCGRVDTPEDTTPDNGRLPDADKDADYVRTFFQR
LNMNDREVVALMGAHALGKTHLKRSGYEGPWGAANNVFTNEFYLNLLNENWKLEKNDANNEQWDSKSGYMMLPTDYSLIQ
DPKYLSIVKEYANDQDKFFKDFSKAFEKLLENGITFPKDAPSPFIFKTLEEQGL
;
_entity_poly.pdbx_strand_id   A
#
loop_
_chem_comp.id
_chem_comp.type
_chem_comp.name
_chem_comp.formula
HEM non-polymer 'PROTOPORPHYRIN IX CONTAINING FE' 'C34 H32 Fe N4 O4'
ISZ non-polymer 4-(DIAZENYLCARBONYL)PYRIDINE 'C6 H5 N3 O'
#
# COMPACT_ATOMS: atom_id res chain seq x y z
N LEU A 4 22.86 -6.89 -4.38
CA LEU A 4 22.35 -7.91 -3.39
C LEU A 4 21.37 -8.84 -4.07
N VAL A 5 21.49 -10.14 -3.79
CA VAL A 5 20.51 -11.12 -4.26
C VAL A 5 19.71 -11.65 -3.05
N HIS A 6 18.39 -11.59 -3.16
CA HIS A 6 17.50 -12.07 -2.11
C HIS A 6 16.64 -13.19 -2.67
N VAL A 7 16.95 -14.42 -2.28
CA VAL A 7 16.22 -15.57 -2.82
C VAL A 7 15.07 -15.97 -1.90
N ALA A 8 13.87 -16.05 -2.48
CA ALA A 8 12.70 -16.49 -1.74
C ALA A 8 12.90 -17.92 -1.23
N SER A 9 12.59 -18.12 0.05
CA SER A 9 12.74 -19.41 0.70
C SER A 9 11.46 -19.67 1.50
N VAL A 10 10.70 -20.65 1.04
CA VAL A 10 9.41 -20.98 1.63
C VAL A 10 9.58 -21.39 3.09
N GLU A 11 8.78 -20.79 3.96
CA GLU A 11 8.76 -21.17 5.38
C GLU A 11 8.60 -22.69 5.48
N LYS A 12 9.45 -23.34 6.28
CA LYS A 12 9.62 -24.80 6.17
C LYS A 12 8.31 -25.57 6.24
N GLY A 13 8.02 -26.32 5.17
CA GLY A 13 6.85 -27.21 5.13
C GLY A 13 5.51 -26.56 4.91
N ARG A 14 5.49 -25.23 4.77
CA ARG A 14 4.23 -24.50 4.61
C ARG A 14 3.73 -24.52 3.17
N SER A 15 2.41 -24.49 3.02
CA SER A 15 1.76 -24.49 1.72
C SER A 15 0.59 -23.51 1.73
N TYR A 16 -0.15 -23.48 0.62
CA TYR A 16 -1.29 -22.58 0.47
C TYR A 16 -2.21 -22.53 1.69
N GLU A 17 -2.57 -23.71 2.20
CA GLU A 17 -3.50 -23.82 3.34
C GLU A 17 -3.01 -23.06 4.58
N ASP A 18 -1.71 -23.14 4.87
CA ASP A 18 -1.11 -22.40 5.99
C ASP A 18 -1.30 -20.89 5.81
N PHE A 19 -1.03 -20.39 4.61
CA PHE A 19 -1.14 -18.94 4.40
C PHE A 19 -2.58 -18.46 4.35
N GLN A 20 -3.50 -19.30 3.87
CA GLN A 20 -4.93 -18.96 3.91
C GLN A 20 -5.37 -18.80 5.36
N LYS A 21 -4.80 -19.63 6.26
CA LYS A 21 -5.12 -19.48 7.69
C LYS A 21 -4.66 -18.12 8.23
N VAL A 22 -3.48 -17.67 7.82
CA VAL A 22 -2.95 -16.37 8.24
C VAL A 22 -3.81 -15.24 7.67
N TYR A 23 -4.11 -15.34 6.38
CA TYR A 23 -5.08 -14.43 5.72
C TYR A 23 -6.37 -14.34 6.55
N ASN A 24 -6.96 -15.48 6.86
CA ASN A 24 -8.21 -15.54 7.61
C ASN A 24 -8.12 -14.84 8.96
N ALA A 25 -7.02 -15.05 9.69
CA ALA A 25 -6.85 -14.40 11.01
C ALA A 25 -6.77 -12.89 10.86
N ILE A 26 -6.01 -12.43 9.86
CA ILE A 26 -5.96 -10.99 9.55
C ILE A 26 -7.37 -10.44 9.23
N ALA A 27 -8.07 -11.14 8.35
CA ALA A 27 -9.40 -10.76 7.88
C ALA A 27 -10.42 -10.73 9.02
N LEU A 28 -10.36 -11.74 9.89
CA LEU A 28 -11.26 -11.80 11.05
C LEU A 28 -11.00 -10.65 12.03
N LYS A 29 -9.72 -10.32 12.23
CA LYS A 29 -9.36 -9.19 13.11
C LYS A 29 -9.76 -7.84 12.47
N LEU A 30 -9.73 -7.76 11.15
CA LEU A 30 -10.15 -6.56 10.44
C LEU A 30 -11.62 -6.31 10.68
N ARG A 31 -12.39 -7.39 10.65
CA ARG A 31 -13.81 -7.35 10.97
C ARG A 31 -14.08 -6.97 12.44
N GLU A 32 -13.29 -7.54 13.34
CA GLU A 32 -13.49 -7.38 14.79
C GLU A 32 -13.14 -5.97 15.28
N ASP A 33 -11.99 -5.46 14.85
CA ASP A 33 -11.49 -4.17 15.36
C ASP A 33 -11.98 -3.00 14.49
N ASP A 34 -13.30 -2.82 14.49
CA ASP A 34 -14.00 -1.95 13.55
C ASP A 34 -14.09 -0.47 13.98
N GLU A 35 -13.65 -0.17 15.19
CA GLU A 35 -13.76 1.16 15.82
C GLU A 35 -12.59 2.10 15.44
N TYR A 36 -11.43 1.51 15.15
CA TYR A 36 -10.19 2.24 14.89
C TYR A 36 -10.37 3.35 13.85
N ASP A 37 -9.78 4.52 14.13
CA ASP A 37 -9.76 5.67 13.24
C ASP A 37 -11.17 6.10 12.82
N ASN A 38 -12.00 6.40 13.83
CA ASN A 38 -13.39 6.82 13.62
C ASN A 38 -14.18 5.88 12.72
N ALA A 39 -14.02 4.59 13.00
CA ALA A 39 -14.75 3.51 12.35
C ALA A 39 -14.34 3.24 10.89
N ILE A 40 -13.20 3.77 10.47
CA ILE A 40 -12.63 3.38 9.18
C ILE A 40 -12.16 1.93 9.25
N GLY A 41 -11.61 1.55 10.41
CA GLY A 41 -10.98 0.24 10.58
C GLY A 41 -9.55 0.23 10.09
N TYR A 42 -8.87 -0.91 10.26
CA TYR A 42 -7.44 -1.03 9.99
C TYR A 42 -7.06 -1.30 8.52
N GLY A 43 -8.06 -1.45 7.66
CA GLY A 43 -7.81 -1.80 6.25
C GLY A 43 -6.80 -0.86 5.57
N PRO A 44 -7.13 0.44 5.51
CA PRO A 44 -6.21 1.40 4.86
C PRO A 44 -4.79 1.43 5.45
N VAL A 45 -4.67 1.44 6.78
CA VAL A 45 -3.33 1.50 7.38
C VAL A 45 -2.49 0.24 7.05
N LEU A 46 -3.15 -0.90 6.91
CA LEU A 46 -2.46 -2.13 6.53
C LEU A 46 -1.94 -2.06 5.08
N VAL A 47 -2.74 -1.47 4.20
CA VAL A 47 -2.33 -1.25 2.81
C VAL A 47 -1.14 -0.30 2.77
N ARG A 48 -1.22 0.80 3.51
CA ARG A 48 -0.11 1.74 3.57
C ARG A 48 1.14 1.09 4.16
N LEU A 49 0.96 0.26 5.19
CA LEU A 49 2.10 -0.49 5.76
C LEU A 49 2.78 -1.39 4.72
N ALA A 50 1.99 -2.14 3.95
CA ALA A 50 2.57 -2.99 2.88
C ALA A 50 3.36 -2.14 1.86
N TRP A 51 2.80 -0.98 1.52
CA TRP A 51 3.40 -0.06 0.55
C TRP A 51 4.71 0.53 1.08
N HIS A 52 4.71 1.06 2.30
CA HIS A 52 5.93 1.66 2.88
C HIS A 52 7.05 0.66 3.16
N THR A 53 6.69 -0.55 3.56
CA THR A 53 7.68 -1.60 3.81
C THR A 53 8.29 -2.12 2.49
N SER A 54 7.54 -2.00 1.40
CA SER A 54 8.03 -2.37 0.07
C SER A 54 8.71 -1.19 -0.65
N GLY A 55 8.20 0.03 -0.44
CA GLY A 55 8.58 1.21 -1.23
C GLY A 55 9.94 1.83 -0.96
N THR A 56 10.69 1.24 -0.02
CA THR A 56 12.08 1.62 0.24
C THR A 56 13.06 1.03 -0.78
N TRP A 57 12.54 0.14 -1.64
CA TRP A 57 13.38 -0.58 -2.59
C TRP A 57 14.13 0.37 -3.52
N ASP A 58 15.37 0.03 -3.82
CA ASP A 58 16.14 0.76 -4.83
C ASP A 58 16.61 -0.25 -5.88
N LYS A 59 16.08 -0.12 -7.10
CA LYS A 59 16.42 -1.04 -8.19
C LYS A 59 17.93 -1.08 -8.51
N HIS A 60 18.63 -0.01 -8.20
CA HIS A 60 20.05 0.10 -8.56
C HIS A 60 20.96 -0.87 -7.81
N ASP A 61 20.64 -1.11 -6.54
CA ASP A 61 21.49 -1.95 -5.68
C ASP A 61 20.72 -3.01 -4.89
N ASN A 62 19.40 -3.07 -5.09
CA ASN A 62 18.51 -4.01 -4.39
C ASN A 62 18.53 -3.86 -2.85
N THR A 63 18.77 -2.64 -2.40
CA THR A 63 18.60 -2.31 -0.99
C THR A 63 17.13 -2.01 -0.72
N GLY A 64 16.73 -2.06 0.55
CA GLY A 64 15.34 -1.88 0.94
C GLY A 64 14.46 -3.00 0.39
N GLY A 65 13.17 -2.71 0.20
CA GLY A 65 12.21 -3.68 -0.34
C GLY A 65 11.56 -4.53 0.74
N SER A 66 10.57 -5.32 0.33
CA SER A 66 9.76 -6.10 1.28
C SER A 66 10.50 -7.30 1.87
N TYR A 67 11.55 -7.75 1.21
CA TYR A 67 12.13 -9.06 1.55
C TYR A 67 12.54 -9.20 3.03
N GLY A 68 13.26 -8.21 3.55
CA GLY A 68 13.91 -8.32 4.85
C GLY A 68 13.05 -8.09 6.09
N GLY A 69 11.85 -7.52 5.89
CA GLY A 69 10.93 -7.20 7.00
C GLY A 69 11.55 -6.21 7.99
N THR A 70 12.31 -5.25 7.48
CA THR A 70 13.16 -4.38 8.31
C THR A 70 12.44 -3.28 9.08
N TYR A 71 11.14 -3.11 8.79
CA TYR A 71 10.31 -2.16 9.53
C TYR A 71 10.28 -2.49 11.03
N ARG A 72 10.55 -3.75 11.38
CA ARG A 72 10.60 -4.15 12.79
C ARG A 72 11.74 -3.48 13.58
N PHE A 73 12.71 -2.90 12.87
CA PHE A 73 13.85 -2.22 13.49
C PHE A 73 13.63 -0.73 13.64
N LYS A 74 14.17 -0.19 14.72
CA LYS A 74 13.91 1.17 15.16
C LYS A 74 14.13 2.24 14.09
N LYS A 75 15.22 2.13 13.33
CA LYS A 75 15.55 3.17 12.34
C LYS A 75 14.38 3.35 11.38
N GLU A 76 13.84 2.22 10.90
CA GLU A 76 12.74 2.24 9.95
C GLU A 76 11.38 2.52 10.58
N PHE A 77 11.04 1.90 11.71
CA PHE A 77 9.75 2.26 12.29
C PHE A 77 9.66 3.71 12.80
N ASN A 78 10.80 4.32 13.06
CA ASN A 78 10.84 5.73 13.45
C ASN A 78 11.04 6.73 12.30
N ASP A 79 11.06 6.23 11.05
CA ASP A 79 11.08 7.08 9.86
C ASP A 79 9.91 8.06 9.97
N PRO A 80 10.20 9.39 9.91
CA PRO A 80 9.12 10.38 9.89
C PRO A 80 8.05 10.08 8.82
N SER A 81 8.48 9.53 7.69
CA SER A 81 7.56 9.12 6.61
C SER A 81 6.59 8.03 7.03
N ASN A 82 6.97 7.25 8.06
CA ASN A 82 6.17 6.14 8.54
C ASN A 82 5.25 6.47 9.72
N ALA A 83 5.15 7.75 10.10
CA ALA A 83 4.33 8.14 11.25
C ALA A 83 2.90 7.60 11.12
N GLY A 84 2.43 6.91 12.16
CA GLY A 84 1.10 6.30 12.17
C GLY A 84 1.05 4.81 11.80
N LEU A 85 2.08 4.31 11.12
CA LEU A 85 2.10 2.90 10.70
C LEU A 85 2.26 1.94 11.88
N GLN A 86 2.69 2.47 13.02
CA GLN A 86 2.73 1.70 14.26
C GLN A 86 1.38 1.06 14.57
N ASN A 87 0.29 1.71 14.14
CA ASN A 87 -1.05 1.15 14.28
C ASN A 87 -1.24 -0.16 13.50
N GLY A 88 -0.68 -0.21 12.28
CA GLY A 88 -0.72 -1.43 11.46
C GLY A 88 0.14 -2.53 12.07
N PHE A 89 1.33 -2.16 12.53
CA PHE A 89 2.24 -3.09 13.18
C PHE A 89 1.60 -3.69 14.43
N LYS A 90 0.97 -2.84 15.25
CA LYS A 90 0.30 -3.30 16.48
C LYS A 90 -0.86 -4.25 16.16
N PHE A 91 -1.64 -3.92 15.13
CA PHE A 91 -2.69 -4.81 14.64
C PHE A 91 -2.13 -6.20 14.31
N LEU A 92 -0.98 -6.24 13.65
CA LEU A 92 -0.42 -7.52 13.17
C LEU A 92 0.29 -8.32 14.27
N GLU A 93 0.60 -7.67 15.40
CA GLU A 93 1.28 -8.34 16.51
C GLU A 93 0.62 -9.66 16.97
N PRO A 94 -0.69 -9.64 17.31
CA PRO A 94 -1.31 -10.92 17.70
C PRO A 94 -1.38 -11.96 16.56
N ILE A 95 -1.43 -11.51 15.31
CA ILE A 95 -1.34 -12.41 14.16
C ILE A 95 0.04 -13.11 14.15
N HIS A 96 1.09 -12.33 14.34
CA HIS A 96 2.45 -12.88 14.36
C HIS A 96 2.63 -13.85 15.53
N LYS A 97 2.02 -13.54 16.68
CA LYS A 97 2.08 -14.40 17.87
C LYS A 97 1.42 -15.76 17.61
N GLU A 98 0.28 -15.76 16.93
CA GLU A 98 -0.42 -17.00 16.62
C GLU A 98 0.32 -17.82 15.56
N PHE A 99 0.94 -17.12 14.60
CA PHE A 99 1.66 -17.75 13.50
C PHE A 99 3.13 -17.31 13.50
N PRO A 100 3.92 -17.75 14.50
CA PRO A 100 5.29 -17.20 14.61
C PRO A 100 6.22 -17.65 13.48
N TRP A 101 5.79 -18.66 12.72
CA TRP A 101 6.56 -19.20 11.61
C TRP A 101 6.62 -18.29 10.38
N ILE A 102 5.65 -17.38 10.24
CA ILE A 102 5.63 -16.48 9.06
C ILE A 102 6.73 -15.40 9.19
N SER A 103 7.44 -15.13 8.11
CA SER A 103 8.45 -14.07 8.15
C SER A 103 7.79 -12.69 8.29
N SER A 104 8.55 -11.72 8.79
CA SER A 104 8.02 -10.36 8.93
C SER A 104 7.62 -9.75 7.59
N GLY A 105 8.48 -9.90 6.58
CA GLY A 105 8.19 -9.41 5.22
C GLY A 105 6.95 -10.05 4.64
N ASP A 106 6.80 -11.36 4.83
CA ASP A 106 5.60 -12.06 4.36
C ASP A 106 4.36 -11.53 5.07
N LEU A 107 4.46 -11.30 6.39
CA LEU A 107 3.32 -10.78 7.14
C LEU A 107 2.92 -9.35 6.74
N PHE A 108 3.90 -8.45 6.59
CA PHE A 108 3.58 -7.06 6.23
C PHE A 108 2.91 -7.00 4.85
N SER A 109 3.47 -7.75 3.90
CA SER A 109 2.93 -7.74 2.53
C SER A 109 1.56 -8.44 2.47
N LEU A 110 1.43 -9.58 3.16
CA LEU A 110 0.14 -10.29 3.22
C LEU A 110 -0.96 -9.44 3.90
N GLY A 111 -0.55 -8.65 4.90
CA GLY A 111 -1.47 -7.70 5.54
C GLY A 111 -2.13 -6.77 4.52
N GLY A 112 -1.32 -6.24 3.60
CA GLY A 112 -1.80 -5.37 2.52
C GLY A 112 -2.74 -6.09 1.57
N VAL A 113 -2.34 -7.29 1.11
CA VAL A 113 -3.18 -8.10 0.21
C VAL A 113 -4.53 -8.39 0.85
N THR A 114 -4.49 -8.82 2.12
CA THR A 114 -5.69 -9.18 2.85
C THR A 114 -6.63 -7.97 2.99
N ALA A 115 -6.07 -6.81 3.36
CA ALA A 115 -6.88 -5.59 3.47
C ALA A 115 -7.57 -5.22 2.14
N VAL A 116 -6.83 -5.22 1.04
CA VAL A 116 -7.40 -4.88 -0.27
C VAL A 116 -8.59 -5.80 -0.61
N GLN A 117 -8.36 -7.11 -0.48
CA GLN A 117 -9.40 -8.10 -0.84
C GLN A 117 -10.63 -8.00 0.06
N GLU A 118 -10.39 -7.86 1.36
CA GLU A 118 -11.50 -7.79 2.32
C GLU A 118 -12.32 -6.51 2.13
N MET A 119 -11.68 -5.45 1.66
CA MET A 119 -12.36 -4.19 1.37
C MET A 119 -12.96 -4.18 -0.06
N GLN A 120 -13.15 -5.38 -0.62
CA GLN A 120 -13.86 -5.60 -1.91
C GLN A 120 -13.03 -5.19 -3.13
N GLY A 121 -11.71 -5.14 -2.95
CA GLY A 121 -10.79 -4.82 -4.04
C GLY A 121 -10.52 -6.03 -4.93
N PRO A 122 -9.60 -5.88 -5.89
CA PRO A 122 -9.29 -7.01 -6.76
C PRO A 122 -8.54 -8.11 -5.97
N LYS A 123 -8.58 -9.34 -6.49
CA LYS A 123 -7.66 -10.37 -6.00
C LYS A 123 -6.24 -9.94 -6.34
N ILE A 124 -5.33 -10.12 -5.38
CA ILE A 124 -3.92 -9.83 -5.56
C ILE A 124 -3.17 -11.13 -5.32
N PRO A 125 -2.60 -11.72 -6.39
CA PRO A 125 -1.78 -12.91 -6.16
C PRO A 125 -0.60 -12.55 -5.27
N TRP A 126 -0.22 -13.48 -4.41
CA TRP A 126 0.79 -13.21 -3.40
C TRP A 126 1.71 -14.41 -3.29
N ARG A 127 3.02 -14.13 -3.20
CA ARG A 127 3.99 -15.21 -3.09
C ARG A 127 4.68 -15.13 -1.74
N CYS A 128 4.97 -16.31 -1.16
CA CYS A 128 5.63 -16.39 0.14
C CYS A 128 7.15 -16.51 -0.03
N GLY A 129 7.88 -16.49 1.07
CA GLY A 129 9.30 -16.78 1.03
C GLY A 129 10.24 -15.60 1.32
N ARG A 130 9.69 -14.45 1.70
CA ARG A 130 10.56 -13.38 2.18
C ARG A 130 11.22 -13.86 3.48
N VAL A 131 12.46 -13.45 3.71
CA VAL A 131 13.24 -13.93 4.85
C VAL A 131 13.76 -12.74 5.65
N ASP A 132 13.55 -12.76 6.97
CA ASP A 132 14.01 -11.68 7.85
C ASP A 132 15.51 -11.47 7.69
N THR A 133 15.92 -10.23 7.54
CA THR A 133 17.35 -9.88 7.47
C THR A 133 17.75 -9.02 8.69
N PRO A 134 19.06 -9.02 9.05
CA PRO A 134 19.53 -8.34 10.27
C PRO A 134 19.31 -6.82 10.28
N GLU A 135 19.46 -6.24 11.47
CA GLU A 135 19.26 -4.81 11.68
C GLU A 135 20.11 -3.92 10.76
N ASP A 136 21.33 -4.35 10.44
CA ASP A 136 22.22 -3.53 9.61
C ASP A 136 21.81 -3.45 8.13
N THR A 137 20.80 -4.24 7.74
CA THR A 137 20.23 -4.21 6.39
C THR A 137 19.05 -3.23 6.25
N THR A 138 18.64 -2.63 7.36
CA THR A 138 17.55 -1.65 7.37
C THR A 138 17.93 -0.41 6.52
N PRO A 139 17.07 -0.07 5.53
CA PRO A 139 17.40 1.10 4.70
C PRO A 139 17.28 2.40 5.49
N ASP A 140 18.14 3.38 5.19
CA ASP A 140 18.04 4.70 5.80
C ASP A 140 16.68 5.36 5.53
N ASN A 141 16.28 6.29 6.39
CA ASN A 141 15.08 7.10 6.16
C ASN A 141 15.23 7.96 4.89
N GLY A 142 14.09 8.34 4.32
CA GLY A 142 14.06 9.28 3.22
C GLY A 142 13.90 8.68 1.83
N ARG A 143 13.59 7.38 1.77
CA ARG A 143 13.37 6.70 0.50
C ARG A 143 11.91 6.72 0.04
N LEU A 144 11.00 7.12 0.93
CA LEU A 144 9.58 7.24 0.57
C LEU A 144 9.28 8.64 0.00
N PRO A 145 8.24 8.75 -0.85
CA PRO A 145 8.10 10.02 -1.59
C PRO A 145 7.52 11.20 -0.80
N ASP A 146 7.96 12.40 -1.13
CA ASP A 146 7.37 13.64 -0.65
C ASP A 146 5.97 13.86 -1.28
N ALA A 147 5.10 14.54 -0.54
CA ALA A 147 3.73 14.83 -1.01
C ALA A 147 3.57 16.23 -1.64
N ASP A 148 4.56 17.09 -1.47
CA ASP A 148 4.43 18.51 -1.79
C ASP A 148 5.03 18.86 -3.17
N LYS A 149 5.14 17.86 -4.03
CA LYS A 149 5.86 17.99 -5.28
C LYS A 149 4.94 17.81 -6.50
N ASP A 150 5.53 17.90 -7.70
CA ASP A 150 4.75 17.87 -8.94
C ASP A 150 4.89 16.55 -9.70
N ALA A 151 4.32 16.52 -10.90
CA ALA A 151 4.29 15.30 -11.73
C ALA A 151 5.68 14.83 -12.12
N ASP A 152 6.60 15.76 -12.45
CA ASP A 152 7.97 15.41 -12.81
CA ASP A 152 7.95 15.38 -12.82
C ASP A 152 8.65 14.68 -11.64
N TYR A 153 8.40 15.15 -10.43
CA TYR A 153 8.94 14.53 -9.23
C TYR A 153 8.42 13.10 -9.05
N VAL A 154 7.10 12.94 -9.18
CA VAL A 154 6.42 11.65 -9.05
C VAL A 154 6.97 10.66 -10.07
N ARG A 155 7.05 11.08 -11.34
CA ARG A 155 7.54 10.22 -12.43
C ARG A 155 8.96 9.74 -12.14
N THR A 156 9.85 10.68 -11.84
CA THR A 156 11.24 10.36 -11.54
C THR A 156 11.36 9.48 -10.29
N PHE A 157 10.59 9.81 -9.24
CA PHE A 157 10.66 9.05 -7.99
C PHE A 157 10.40 7.55 -8.26
N PHE A 158 9.30 7.28 -8.96
CA PHE A 158 8.84 5.90 -9.17
C PHE A 158 9.71 5.09 -10.12
N GLN A 159 10.54 5.78 -10.91
CA GLN A 159 11.52 5.06 -11.73
C GLN A 159 12.47 4.23 -10.85
N ARG A 160 12.72 4.70 -9.63
CA ARG A 160 13.58 3.93 -8.69
C ARG A 160 12.95 2.59 -8.30
N LEU A 161 11.62 2.52 -8.32
CA LEU A 161 10.85 1.31 -8.01
C LEU A 161 10.46 0.55 -9.29
N ASN A 162 11.06 0.95 -10.40
CA ASN A 162 10.79 0.33 -11.71
C ASN A 162 9.30 0.37 -12.09
N MET A 163 8.64 1.50 -11.78
CA MET A 163 7.23 1.70 -12.16
C MET A 163 7.13 2.73 -13.28
N ASN A 164 6.27 2.44 -14.27
CA ASN A 164 6.02 3.34 -15.39
C ASN A 164 4.78 4.18 -15.13
N ASP A 165 4.37 5.00 -16.11
CA ASP A 165 3.25 5.93 -15.88
C ASP A 165 1.98 5.18 -15.47
N ARG A 166 1.67 4.08 -16.17
CA ARG A 166 0.43 3.36 -15.91
C ARG A 166 0.45 2.76 -14.51
N GLU A 167 1.59 2.19 -14.13
CA GLU A 167 1.77 1.58 -12.81
C GLU A 167 1.66 2.61 -11.69
N VAL A 168 2.29 3.77 -11.88
CA VAL A 168 2.18 4.89 -10.94
C VAL A 168 0.70 5.31 -10.72
N VAL A 169 -0.01 5.59 -11.80
CA VAL A 169 -1.40 6.06 -11.69
C VAL A 169 -2.31 5.01 -11.05
N ALA A 170 -2.09 3.74 -11.42
CA ALA A 170 -2.86 2.63 -10.84
C ALA A 170 -2.60 2.55 -9.33
N LEU A 171 -1.33 2.54 -8.94
CA LEU A 171 -0.98 2.44 -7.51
C LEU A 171 -1.59 3.58 -6.68
N MET A 172 -1.58 4.80 -7.23
CA MET A 172 -2.11 5.94 -6.50
C MET A 172 -3.60 5.84 -6.19
N GLY A 173 -4.32 4.97 -6.94
CA GLY A 173 -5.74 4.75 -6.70
C GLY A 173 -6.04 4.15 -5.34
N ALA A 174 -5.00 3.64 -4.67
CA ALA A 174 -5.13 3.18 -3.27
C ALA A 174 -5.54 4.31 -2.34
N HIS A 175 -5.34 5.55 -2.78
CA HIS A 175 -5.85 6.73 -2.04
C HIS A 175 -7.38 6.84 -1.95
N ALA A 176 -8.10 5.93 -2.61
CA ALA A 176 -9.53 5.74 -2.29
C ALA A 176 -9.70 5.40 -0.79
N LEU A 177 -8.65 4.83 -0.22
CA LEU A 177 -8.69 4.24 1.12
C LEU A 177 -8.18 5.22 2.17
N GLY A 178 -8.87 5.24 3.32
CA GLY A 178 -8.38 5.93 4.51
C GLY A 178 -8.39 7.44 4.38
N LYS A 179 -7.41 8.09 4.99
CA LYS A 179 -7.34 9.54 4.99
C LYS A 179 -5.96 10.02 5.40
N THR A 180 -5.71 11.31 5.16
CA THR A 180 -4.56 11.98 5.76
C THR A 180 -4.94 12.45 7.16
N HIS A 181 -3.95 12.44 8.05
CA HIS A 181 -4.14 12.82 9.46
C HIS A 181 -3.14 13.92 9.78
N LEU A 182 -3.63 15.08 10.21
CA LEU A 182 -2.75 16.24 10.34
C LEU A 182 -1.52 15.98 11.21
N LYS A 183 -1.72 15.31 12.34
CA LYS A 183 -0.62 15.08 13.27
C LYS A 183 0.41 14.05 12.77
N ARG A 184 0.01 13.24 11.79
CA ARG A 184 0.92 12.27 11.20
C ARG A 184 1.78 12.85 10.09
N SER A 185 1.14 13.48 9.10
CA SER A 185 1.81 13.85 7.85
C SER A 185 1.76 15.35 7.52
N GLY A 186 0.99 16.11 8.31
CA GLY A 186 0.78 17.53 8.01
C GLY A 186 -0.22 17.79 6.88
N TYR A 187 -1.07 16.80 6.60
CA TYR A 187 -2.21 16.93 5.70
C TYR A 187 -3.46 16.40 6.39
N GLU A 188 -4.62 16.95 6.06
CA GLU A 188 -5.84 16.53 6.73
C GLU A 188 -7.01 16.30 5.80
N GLY A 189 -7.57 15.10 5.88
CA GLY A 189 -8.80 14.81 5.18
C GLY A 189 -8.76 13.54 4.33
N PRO A 190 -9.94 13.00 3.99
CA PRO A 190 -10.06 11.83 3.14
C PRO A 190 -10.02 12.22 1.66
N TRP A 191 -9.71 11.26 0.78
CA TRP A 191 -9.74 11.52 -0.64
C TRP A 191 -11.14 11.29 -1.20
N GLY A 192 -11.98 10.61 -0.41
CA GLY A 192 -13.34 10.32 -0.85
C GLY A 192 -14.28 9.91 0.27
N ALA A 193 -15.44 9.38 -0.11
CA ALA A 193 -16.53 9.07 0.82
C ALA A 193 -16.44 7.68 1.43
N ALA A 194 -16.15 6.67 0.60
CA ALA A 194 -16.18 5.28 1.03
C ALA A 194 -14.77 4.80 1.40
N ASN A 195 -14.29 5.32 2.54
CA ASN A 195 -12.92 5.20 3.04
C ASN A 195 -12.38 3.80 3.28
N ASN A 196 -13.28 2.81 3.39
CA ASN A 196 -12.83 1.44 3.63
C ASN A 196 -13.41 0.44 2.62
N VAL A 197 -13.75 0.95 1.45
CA VAL A 197 -14.19 0.13 0.32
C VAL A 197 -13.25 0.49 -0.83
N PHE A 198 -12.63 -0.55 -1.40
CA PHE A 198 -11.70 -0.37 -2.50
C PHE A 198 -12.48 -0.18 -3.82
N THR A 199 -12.40 1.03 -4.37
CA THR A 199 -13.07 1.36 -5.64
C THR A 199 -12.19 2.29 -6.45
N ASN A 200 -12.67 2.69 -7.63
CA ASN A 200 -11.98 3.67 -8.48
C ASN A 200 -12.38 5.14 -8.14
N GLU A 201 -12.90 5.35 -6.93
CA GLU A 201 -13.37 6.68 -6.50
C GLU A 201 -12.30 7.79 -6.57
N PHE A 202 -11.04 7.45 -6.31
CA PHE A 202 -9.92 8.43 -6.38
C PHE A 202 -9.93 9.19 -7.72
N TYR A 203 -10.04 8.45 -8.81
CA TYR A 203 -10.00 9.02 -10.16
C TYR A 203 -11.26 9.81 -10.47
N LEU A 204 -12.42 9.29 -10.08
CA LEU A 204 -13.70 9.99 -10.26
C LEU A 204 -13.68 11.32 -9.49
N ASN A 205 -13.18 11.27 -8.26
CA ASN A 205 -13.10 12.50 -7.45
C ASN A 205 -12.13 13.53 -8.04
N LEU A 206 -10.95 13.08 -8.47
CA LEU A 206 -10.00 13.99 -9.12
C LEU A 206 -10.64 14.76 -10.28
N LEU A 207 -11.39 14.05 -11.11
CA LEU A 207 -11.99 14.62 -12.32
C LEU A 207 -13.28 15.40 -12.07
N ASN A 208 -14.06 14.96 -11.10
CA ASN A 208 -15.43 15.48 -10.96
C ASN A 208 -15.60 16.54 -9.90
N GLU A 209 -14.74 16.53 -8.88
CA GLU A 209 -14.85 17.52 -7.82
C GLU A 209 -14.31 18.87 -8.26
N ASN A 210 -14.83 19.92 -7.64
CA ASN A 210 -14.28 21.26 -7.80
CA ASN A 210 -14.30 21.27 -7.79
C ASN A 210 -13.22 21.51 -6.73
N TRP A 211 -11.97 21.51 -7.15
CA TRP A 211 -10.83 21.59 -6.22
C TRP A 211 -10.32 23.01 -6.06
N LYS A 212 -10.00 23.37 -4.82
CA LYS A 212 -9.40 24.66 -4.49
C LYS A 212 -8.08 24.43 -3.75
N LEU A 213 -7.03 25.11 -4.19
CA LEU A 213 -5.73 25.02 -3.54
C LEU A 213 -5.74 25.85 -2.26
N GLU A 214 -5.67 25.18 -1.12
CA GLU A 214 -5.78 25.86 0.18
C GLU A 214 -4.62 25.49 1.09
N LYS A 215 -4.48 26.22 2.19
CA LYS A 215 -3.50 25.85 3.21
C LYS A 215 -4.19 25.22 4.40
N ASN A 216 -3.67 24.09 4.85
CA ASN A 216 -4.22 23.42 6.01
C ASN A 216 -3.61 24.01 7.29
N ASP A 217 -4.01 23.47 8.43
CA ASP A 217 -3.56 23.98 9.73
C ASP A 217 -2.08 23.73 10.05
N ALA A 218 -1.41 22.92 9.23
CA ALA A 218 0.02 22.68 9.37
C ALA A 218 0.82 23.59 8.43
N ASN A 219 0.12 24.54 7.80
CA ASN A 219 0.70 25.47 6.82
C ASN A 219 1.20 24.80 5.53
N ASN A 220 0.62 23.66 5.19
CA ASN A 220 0.93 22.98 3.94
C ASN A 220 -0.22 23.11 2.95
N GLU A 221 0.11 23.23 1.66
CA GLU A 221 -0.93 23.32 0.65
C GLU A 221 -1.51 21.94 0.33
N GLN A 222 -2.82 21.91 0.18
CA GLN A 222 -3.54 20.73 -0.31
C GLN A 222 -4.77 21.21 -1.05
N TRP A 223 -5.25 20.37 -1.96
CA TRP A 223 -6.42 20.69 -2.76
C TRP A 223 -7.67 20.18 -2.07
N ASP A 224 -8.63 21.08 -1.85
CA ASP A 224 -9.84 20.78 -1.09
C ASP A 224 -11.09 20.94 -1.92
N SER A 225 -12.09 20.09 -1.67
CA SER A 225 -13.38 20.19 -2.33
C SER A 225 -14.48 20.47 -1.31
N LYS A 226 -15.58 21.03 -1.80
CA LYS A 226 -16.73 21.35 -0.94
C LYS A 226 -17.41 20.12 -0.35
N SER A 227 -17.16 18.96 -0.96
CA SER A 227 -17.64 17.67 -0.43
C SER A 227 -16.91 17.24 0.84
N GLY A 228 -15.82 17.93 1.17
CA GLY A 228 -15.00 17.60 2.34
C GLY A 228 -13.90 16.60 2.00
N TYR A 229 -13.52 16.54 0.72
CA TYR A 229 -12.40 15.69 0.29
C TYR A 229 -11.15 16.53 0.07
N MET A 230 -10.02 15.85 0.00
CA MET A 230 -8.75 16.51 -0.32
C MET A 230 -7.92 15.69 -1.30
N MET A 231 -6.91 16.34 -1.90
CA MET A 231 -5.90 15.70 -2.73
C MET A 231 -4.56 16.33 -2.35
N LEU A 232 -3.53 15.49 -2.21
CA LEU A 232 -2.16 16.00 -2.07
C LEU A 232 -1.72 16.67 -3.36
N PRO A 233 -0.75 17.61 -3.28
CA PRO A 233 -0.13 18.12 -4.51
C PRO A 233 0.29 17.00 -5.48
N THR A 234 0.86 15.91 -4.97
CA THR A 234 1.28 14.79 -5.83
C THR A 234 0.09 14.05 -6.50
N ASP A 235 -1.04 13.96 -5.80
CA ASP A 235 -2.29 13.40 -6.36
C ASP A 235 -2.79 14.28 -7.50
N TYR A 236 -2.90 15.57 -7.19
CA TYR A 236 -3.40 16.54 -8.15
C TYR A 236 -2.52 16.63 -9.40
N SER A 237 -1.23 16.35 -9.25
CA SER A 237 -0.30 16.38 -10.38
C SER A 237 -0.70 15.36 -11.47
N LEU A 238 -1.48 14.35 -11.10
CA LEU A 238 -1.92 13.30 -12.03
C LEU A 238 -2.93 13.82 -13.06
N ILE A 239 -3.55 14.96 -12.77
CA ILE A 239 -4.42 15.63 -13.76
C ILE A 239 -3.82 16.90 -14.37
N GLN A 240 -2.68 17.32 -13.83
CA GLN A 240 -1.92 18.43 -14.40
C GLN A 240 -1.02 17.96 -15.56
N ASP A 241 -0.46 16.76 -15.42
CA ASP A 241 0.40 16.16 -16.44
C ASP A 241 -0.48 15.49 -17.50
N PRO A 242 -0.27 15.82 -18.79
CA PRO A 242 -1.19 15.28 -19.81
C PRO A 242 -1.12 13.75 -19.97
N LYS A 243 0.05 13.15 -19.72
CA LYS A 243 0.20 11.70 -19.84
C LYS A 243 -0.51 10.99 -18.69
N TYR A 244 -0.28 11.47 -17.46
CA TYR A 244 -1.04 10.98 -16.32
C TYR A 244 -2.55 11.19 -16.47
N LEU A 245 -2.95 12.36 -16.97
CA LEU A 245 -4.36 12.68 -17.12
C LEU A 245 -5.10 11.65 -17.95
N SER A 246 -4.52 11.21 -19.07
CA SER A 246 -5.18 10.20 -19.93
C SER A 246 -5.48 8.91 -19.15
N ILE A 247 -4.53 8.52 -18.30
CA ILE A 247 -4.65 7.29 -17.53
C ILE A 247 -5.67 7.43 -16.40
N VAL A 248 -5.69 8.60 -15.76
CA VAL A 248 -6.73 8.91 -14.77
C VAL A 248 -8.12 8.77 -15.40
N LYS A 249 -8.30 9.36 -16.59
CA LYS A 249 -9.58 9.28 -17.28
C LYS A 249 -9.94 7.82 -17.59
N GLU A 250 -8.94 7.04 -18.00
CA GLU A 250 -9.14 5.63 -18.30
C GLU A 250 -9.71 4.86 -17.10
N TYR A 251 -9.07 5.04 -15.95
CA TYR A 251 -9.47 4.33 -14.74
C TYR A 251 -10.80 4.83 -14.17
N ALA A 252 -11.07 6.13 -14.34
CA ALA A 252 -12.34 6.72 -13.89
C ALA A 252 -13.51 6.13 -14.68
N ASN A 253 -13.21 5.61 -15.87
CA ASN A 253 -14.24 5.07 -16.75
C ASN A 253 -14.24 3.57 -16.97
N ASP A 254 -13.43 2.85 -16.19
CA ASP A 254 -13.34 1.40 -16.33
C ASP A 254 -12.85 0.76 -15.03
N GLN A 255 -13.82 0.40 -14.18
CA GLN A 255 -13.55 -0.20 -12.87
C GLN A 255 -12.75 -1.50 -13.00
N ASP A 256 -13.12 -2.33 -13.96
CA ASP A 256 -12.44 -3.62 -14.13
C ASP A 256 -10.98 -3.42 -14.54
N LYS A 257 -10.72 -2.49 -15.47
CA LYS A 257 -9.35 -2.23 -15.92
C LYS A 257 -8.50 -1.71 -14.77
N PHE A 258 -9.05 -0.78 -13.98
CA PHE A 258 -8.34 -0.30 -12.80
C PHE A 258 -8.01 -1.47 -11.84
N PHE A 259 -8.99 -2.33 -11.56
CA PHE A 259 -8.78 -3.50 -10.68
C PHE A 259 -7.63 -4.40 -11.17
N LYS A 260 -7.66 -4.71 -12.45
CA LYS A 260 -6.65 -5.58 -13.05
C LYS A 260 -5.26 -4.97 -13.00
N ASP A 261 -5.15 -3.68 -13.36
CA ASP A 261 -3.87 -2.97 -13.37
C ASP A 261 -3.33 -2.73 -11.97
N PHE A 262 -4.22 -2.37 -11.04
CA PHE A 262 -3.79 -2.22 -9.65
C PHE A 262 -3.23 -3.54 -9.10
N SER A 263 -3.93 -4.63 -9.37
CA SER A 263 -3.51 -5.95 -8.88
C SER A 263 -2.10 -6.28 -9.35
N LYS A 264 -1.84 -6.10 -10.64
CA LYS A 264 -0.49 -6.34 -11.18
C LYS A 264 0.55 -5.43 -10.53
N ALA A 265 0.26 -4.14 -10.45
CA ALA A 265 1.23 -3.16 -9.95
C ALA A 265 1.54 -3.40 -8.48
N PHE A 266 0.49 -3.73 -7.71
CA PHE A 266 0.62 -3.92 -6.27
C PHE A 266 1.41 -5.21 -5.97
N GLU A 267 1.12 -6.28 -6.70
CA GLU A 267 1.94 -7.50 -6.56
C GLU A 267 3.41 -7.21 -6.93
N LYS A 268 3.61 -6.48 -8.03
CA LYS A 268 4.96 -6.14 -8.45
C LYS A 268 5.70 -5.35 -7.37
N LEU A 269 5.02 -4.34 -6.81
CA LEU A 269 5.58 -3.53 -5.71
C LEU A 269 6.01 -4.42 -4.55
N LEU A 270 5.13 -5.32 -4.15
CA LEU A 270 5.36 -6.21 -3.00
C LEU A 270 6.44 -7.25 -3.29
N GLU A 271 6.74 -7.48 -4.58
CA GLU A 271 7.70 -8.51 -4.98
C GLU A 271 9.05 -7.97 -5.47
N ASN A 272 9.15 -6.65 -5.63
CA ASN A 272 10.39 -6.03 -6.10
C ASN A 272 11.56 -6.46 -5.22
N GLY A 273 12.67 -6.82 -5.86
CA GLY A 273 13.89 -7.20 -5.14
C GLY A 273 14.07 -8.68 -4.87
N ILE A 274 13.01 -9.46 -5.12
CA ILE A 274 13.00 -10.88 -4.73
C ILE A 274 13.25 -11.79 -5.92
N THR A 275 14.21 -12.69 -5.76
CA THR A 275 14.45 -13.75 -6.74
C THR A 275 13.65 -15.00 -6.32
N PHE A 276 12.72 -15.41 -7.18
CA PHE A 276 11.98 -16.64 -6.96
C PHE A 276 12.62 -17.80 -7.75
N PRO A 277 13.01 -18.87 -7.03
CA PRO A 277 13.59 -20.07 -7.67
C PRO A 277 12.65 -20.64 -8.71
N LYS A 278 13.19 -21.37 -9.68
CA LYS A 278 12.35 -21.89 -10.78
C LYS A 278 11.25 -22.84 -10.27
N ASP A 279 11.54 -23.50 -9.14
CA ASP A 279 10.63 -24.46 -8.51
C ASP A 279 9.95 -23.91 -7.25
N ALA A 280 9.92 -22.59 -7.11
CA ALA A 280 9.08 -21.95 -6.09
C ALA A 280 7.61 -22.25 -6.37
N PRO A 281 6.76 -22.31 -5.34
CA PRO A 281 5.33 -22.46 -5.63
C PRO A 281 4.82 -21.29 -6.46
N SER A 282 3.72 -21.53 -7.18
CA SER A 282 3.03 -20.49 -7.92
C SER A 282 2.49 -19.46 -6.92
N PRO A 283 2.18 -18.24 -7.40
CA PRO A 283 1.51 -17.28 -6.52
C PRO A 283 0.16 -17.83 -6.00
N PHE A 284 -0.15 -17.50 -4.75
CA PHE A 284 -1.39 -17.88 -4.11
C PHE A 284 -2.45 -16.83 -4.34
N ILE A 285 -3.67 -17.26 -4.62
CA ILE A 285 -4.80 -16.32 -4.63
C ILE A 285 -5.75 -16.75 -3.51
N PHE A 286 -5.76 -15.97 -2.43
CA PHE A 286 -6.56 -16.31 -1.26
C PHE A 286 -8.04 -15.98 -1.42
N LYS A 287 -8.86 -16.86 -0.87
CA LYS A 287 -10.30 -16.65 -0.83
C LYS A 287 -10.59 -15.64 0.27
N THR A 288 -11.55 -14.76 0.02
CA THR A 288 -12.02 -13.84 1.06
C THR A 288 -12.84 -14.58 2.12
N LEU A 289 -13.04 -13.97 3.28
CA LEU A 289 -13.95 -14.56 4.29
C LEU A 289 -15.34 -14.81 3.69
N GLU A 290 -15.83 -13.83 2.93
CA GLU A 290 -17.13 -13.93 2.26
C GLU A 290 -17.21 -15.15 1.34
N GLU A 291 -16.17 -15.36 0.54
CA GLU A 291 -16.12 -16.51 -0.36
C GLU A 291 -16.12 -17.84 0.37
N GLN A 292 -15.55 -17.85 1.57
CA GLN A 292 -15.47 -19.06 2.41
C GLN A 292 -16.71 -19.28 3.30
N GLY A 293 -17.62 -18.30 3.31
CA GLY A 293 -18.78 -18.34 4.20
C GLY A 293 -18.40 -18.17 5.67
N LEU A 294 -17.30 -17.47 5.91
CA LEU A 294 -16.81 -17.23 7.28
C LEU A 294 -17.09 -15.81 7.75
CHA HEM B . -1.87 7.85 3.14
CHB HEM B . 1.49 10.23 0.56
CHC HEM B . 1.52 6.68 -2.72
CHD HEM B . -1.51 4.08 0.07
C1A HEM B . -0.94 8.79 2.74
C2A HEM B . -0.62 10.00 3.44
C3A HEM B . 0.30 10.67 2.75
C4A HEM B . 0.59 9.90 1.55
CMA HEM B . 0.94 12.03 3.14
CAA HEM B . -1.28 10.39 4.79
CBA HEM B . -0.54 9.80 6.00
CGA HEM B . -1.35 10.18 7.21
O1A HEM B . -1.40 11.37 7.56
O2A HEM B . -1.99 9.28 7.81
C1B HEM B . 1.76 9.51 -0.58
C2B HEM B . 2.61 9.94 -1.67
C3B HEM B . 2.61 8.97 -2.60
C4B HEM B . 1.78 7.88 -2.11
CMB HEM B . 3.33 11.31 -1.72
CAB HEM B . 3.36 8.94 -3.96
CBB HEM B . 3.59 10.03 -4.68
C1C HEM B . 0.79 5.62 -2.20
C2C HEM B . 0.77 4.26 -2.73
C3C HEM B . -0.08 3.53 -1.96
C4C HEM B . -0.60 4.42 -0.92
CMC HEM B . 1.60 3.81 -3.96
CAC HEM B . -0.43 2.02 -2.09
CBC HEM B . -0.64 1.39 -3.25
C1D HEM B . -1.98 4.87 1.08
C2D HEM B . -3.11 4.57 1.96
C3D HEM B . -3.21 5.76 2.91
C4D HEM B . -2.14 6.65 2.53
CMD HEM B . -4.03 3.34 1.94
CAD HEM B . -4.23 5.96 4.05
CBD HEM B . -3.57 5.46 5.33
CGD HEM B . -4.48 5.62 6.52
O1D HEM B . -5.66 5.98 6.36
O2D HEM B . -3.99 5.35 7.65
NA HEM B . -0.19 8.76 1.58
NB HEM B . 1.27 8.25 -0.88
NC HEM B . -0.03 5.66 -1.11
ND HEM B . -1.46 6.11 1.45
FE HEM B . -0.26 7.29 0.17
C2 ISZ C . 4.49 11.03 4.57
C4 ISZ C . 4.72 12.30 5.13
N1 ISZ C . 4.85 13.39 4.36
C5 ISZ C . 4.80 13.30 3.00
C3 ISZ C . 4.59 12.06 2.39
C1 ISZ C . 4.45 10.91 3.18
C6 ISZ C . 4.19 9.55 2.56
O1 ISZ C . 3.43 8.80 3.16
N2 ISZ C . 4.75 9.22 1.39
N3 ISZ C . 4.52 8.10 0.83
#